data_7MPW
#
_entry.id   7MPW
#
_cell.length_a   36.230
_cell.length_b   52.400
_cell.length_c   61.160
_cell.angle_alpha   107.420
_cell.angle_beta   96.580
_cell.angle_gamma   101.960
#
_symmetry.space_group_name_H-M   'P 1'
#
loop_
_entity.id
_entity.type
_entity.pdbx_description
1 polymer 'BMC domain-containing protein'
2 water water
#
_entity_poly.entity_id   1
_entity_poly.type   'polypeptide(L)'
_entity_poly.pdbx_seq_one_letter_code
;MHHHHHHMGDALGLIETKGLVACIEAADAMCDAANVELIGYENVGSGLVTAMVKGDVGAVKAAVDSGVESAQRIGEVVTS
LVIARPHNDINKIVSHYKITD
;
_entity_poly.pdbx_strand_id   A,B,C,D,E,F
#
# COMPACT_ATOMS: atom_id res chain seq x y z
N ASP A 10 -27.32 -15.45 -8.20
CA ASP A 10 -27.15 -15.37 -6.76
C ASP A 10 -26.64 -13.99 -6.27
N ALA A 11 -27.24 -13.49 -5.16
CA ALA A 11 -26.92 -12.20 -4.59
C ALA A 11 -25.49 -12.11 -4.05
N LEU A 12 -24.95 -10.88 -4.03
CA LEU A 12 -23.61 -10.60 -3.54
C LEU A 12 -23.69 -9.66 -2.32
N GLY A 13 -22.98 -10.01 -1.23
CA GLY A 13 -22.95 -9.25 0.00
C GLY A 13 -21.55 -8.78 0.29
N LEU A 14 -21.39 -7.49 0.60
CA LEU A 14 -20.08 -6.88 0.80
C LEU A 14 -20.06 -6.05 2.08
N ILE A 15 -18.97 -6.16 2.85
CA ILE A 15 -18.73 -5.35 4.01
C ILE A 15 -17.29 -4.91 3.95
N GLU A 16 -17.03 -3.60 3.92
CA GLU A 16 -15.69 -3.05 3.89
C GLU A 16 -15.42 -2.40 5.24
N THR A 17 -14.33 -2.78 5.89
CA THR A 17 -13.94 -2.26 7.20
C THR A 17 -12.55 -1.62 7.16
N LYS A 18 -12.23 -0.83 8.21
CA LYS A 18 -10.91 -0.25 8.37
C LYS A 18 -10.09 -1.20 9.24
N GLY A 19 -9.30 -2.04 8.59
CA GLY A 19 -8.50 -3.02 9.31
C GLY A 19 -8.94 -4.43 9.04
N LEU A 20 -8.02 -5.38 9.26
CA LEU A 20 -8.29 -6.78 9.04
C LEU A 20 -9.12 -7.39 10.15
N VAL A 21 -8.86 -7.02 11.43
CA VAL A 21 -9.59 -7.63 12.54
C VAL A 21 -11.10 -7.36 12.48
N ALA A 22 -11.51 -6.11 12.20
CA ALA A 22 -12.95 -5.81 12.06
C ALA A 22 -13.54 -6.60 10.90
N CYS A 23 -12.77 -6.76 9.80
CA CYS A 23 -13.21 -7.55 8.64
C CYS A 23 -13.39 -9.02 8.97
N ILE A 24 -12.48 -9.60 9.76
CA ILE A 24 -12.61 -10.99 10.19
C ILE A 24 -13.87 -11.16 11.00
N GLU A 25 -14.16 -10.19 11.88
CA GLU A 25 -15.36 -10.24 12.69
C GLU A 25 -16.60 -10.13 11.82
N ALA A 26 -16.57 -9.25 10.82
CA ALA A 26 -17.69 -9.08 9.90
C ALA A 26 -17.93 -10.37 9.11
N ALA A 27 -16.88 -11.02 8.63
CA ALA A 27 -16.99 -12.26 7.86
C ALA A 27 -17.46 -13.42 8.71
N ASP A 28 -16.99 -13.49 9.95
CA ASP A 28 -17.40 -14.54 10.87
C ASP A 28 -18.91 -14.40 11.17
N ALA A 29 -19.35 -13.16 11.43
CA ALA A 29 -20.73 -12.88 11.74
C ALA A 29 -21.63 -13.16 10.55
N MET A 30 -21.18 -12.85 9.34
CA MET A 30 -21.97 -13.11 8.14
C MET A 30 -22.24 -14.60 7.96
N CYS A 31 -21.19 -15.44 8.09
CA CYS A 31 -21.31 -16.90 7.92
C CYS A 31 -22.20 -17.54 8.99
N ASP A 32 -22.13 -17.00 10.21
CA ASP A 32 -22.94 -17.52 11.31
C ASP A 32 -24.40 -17.09 11.21
N ALA A 33 -24.70 -15.98 10.55
CA ALA A 33 -26.04 -15.45 10.50
C ALA A 33 -26.98 -16.11 9.52
N ALA A 34 -26.46 -16.59 8.38
CA ALA A 34 -27.33 -17.15 7.37
C ALA A 34 -26.60 -18.19 6.46
N ASN A 35 -27.34 -18.86 5.55
CA ASN A 35 -26.79 -19.80 4.59
C ASN A 35 -26.10 -19.07 3.42
N VAL A 36 -24.95 -18.44 3.70
CA VAL A 36 -24.15 -17.74 2.69
C VAL A 36 -22.78 -18.37 2.62
N GLU A 37 -22.13 -18.22 1.46
CA GLU A 37 -20.77 -18.72 1.26
C GLU A 37 -19.78 -17.57 1.20
N LEU A 38 -18.71 -17.64 2.01
CA LEU A 38 -17.69 -16.61 1.97
C LEU A 38 -16.81 -16.86 0.72
N ILE A 39 -16.87 -15.92 -0.23
CA ILE A 39 -16.10 -15.94 -1.46
C ILE A 39 -14.64 -15.59 -1.16
N GLY A 40 -14.44 -14.59 -0.32
CA GLY A 40 -13.11 -14.18 0.05
C GLY A 40 -13.04 -12.73 0.43
N TYR A 41 -11.85 -12.15 0.20
CA TYR A 41 -11.65 -10.77 0.58
C TYR A 41 -10.72 -10.00 -0.29
N GLU A 42 -10.98 -8.70 -0.37
CA GLU A 42 -10.14 -7.81 -1.13
C GLU A 42 -9.58 -6.71 -0.24
N ASN A 43 -8.42 -6.22 -0.58
CA ASN A 43 -7.72 -5.22 0.18
C ASN A 43 -7.17 -4.25 -0.84
N VAL A 44 -7.62 -3.00 -0.78
CA VAL A 44 -7.25 -1.97 -1.75
C VAL A 44 -6.40 -0.83 -1.18
N GLY A 45 -5.81 -1.02 -0.02
CA GLY A 45 -4.94 0.00 0.54
C GLY A 45 -5.67 1.02 1.38
N SER A 46 -4.89 1.86 2.08
CA SER A 46 -5.40 2.82 3.05
C SER A 46 -6.14 2.05 4.23
N GLY A 47 -5.75 0.79 4.49
CA GLY A 47 -6.35 -0.10 5.48
C GLY A 47 -7.71 -0.68 5.16
N LEU A 48 -8.26 -0.42 3.93
CA LEU A 48 -9.61 -0.87 3.53
C LEU A 48 -9.68 -2.32 3.11
N VAL A 49 -10.42 -3.11 3.89
CA VAL A 49 -10.54 -4.57 3.71
C VAL A 49 -12.02 -4.91 3.48
N THR A 50 -12.34 -5.69 2.44
CA THR A 50 -13.72 -6.08 2.13
C THR A 50 -13.93 -7.60 2.20
N ALA A 51 -15.01 -8.04 2.82
CA ALA A 51 -15.38 -9.44 2.85
C ALA A 51 -16.60 -9.61 1.93
N MET A 52 -16.57 -10.64 1.09
CA MET A 52 -17.62 -10.88 0.10
C MET A 52 -18.27 -12.23 0.28
N VAL A 53 -19.60 -12.26 0.32
CA VAL A 53 -20.41 -13.47 0.46
C VAL A 53 -21.41 -13.59 -0.70
N LYS A 54 -21.86 -14.82 -0.96
CA LYS A 54 -22.87 -15.07 -1.98
C LYS A 54 -23.94 -16.03 -1.45
N GLY A 55 -25.15 -15.86 -1.94
CA GLY A 55 -26.29 -16.66 -1.54
C GLY A 55 -27.59 -16.07 -2.04
N ASP A 56 -28.75 -16.59 -1.56
CA ASP A 56 -30.03 -15.99 -1.96
C ASP A 56 -30.14 -14.59 -1.32
N VAL A 57 -30.86 -13.66 -1.97
CA VAL A 57 -30.97 -12.27 -1.51
C VAL A 57 -31.38 -12.15 -0.05
N GLY A 58 -32.28 -13.01 0.40
CA GLY A 58 -32.75 -13.02 1.79
C GLY A 58 -31.67 -13.40 2.75
N ALA A 59 -30.87 -14.44 2.42
CA ALA A 59 -29.76 -14.90 3.26
C ALA A 59 -28.65 -13.85 3.27
N VAL A 60 -28.35 -13.24 2.12
CA VAL A 60 -27.31 -12.22 2.01
C VAL A 60 -27.67 -10.96 2.78
N LYS A 61 -28.94 -10.52 2.73
CA LYS A 61 -29.37 -9.34 3.48
C LYS A 61 -29.21 -9.59 4.97
N ALA A 62 -29.63 -10.78 5.45
CA ALA A 62 -29.48 -11.14 6.86
C ALA A 62 -28.00 -11.21 7.25
N ALA A 63 -27.16 -11.79 6.39
CA ALA A 63 -25.74 -11.92 6.67
C ALA A 63 -25.08 -10.54 6.80
N VAL A 64 -25.31 -9.64 5.84
CA VAL A 64 -24.72 -8.31 5.86
C VAL A 64 -25.16 -7.51 7.09
N ASP A 65 -26.46 -7.58 7.43
CA ASP A 65 -26.97 -6.88 8.61
C ASP A 65 -26.26 -7.34 9.88
N SER A 66 -26.09 -8.66 10.04
CA SER A 66 -25.43 -9.21 11.22
C SER A 66 -23.96 -8.87 11.26
N GLY A 67 -23.30 -8.97 10.10
CA GLY A 67 -21.88 -8.65 9.97
C GLY A 67 -21.58 -7.22 10.32
N VAL A 68 -22.42 -6.27 9.87
CA VAL A 68 -22.22 -4.85 10.16
C VAL A 68 -22.39 -4.55 11.66
N GLU A 69 -23.43 -5.10 12.27
CA GLU A 69 -23.70 -4.90 13.68
C GLU A 69 -22.56 -5.42 14.56
N SER A 70 -22.04 -6.62 14.22
CA SER A 70 -20.96 -7.21 15.01
C SER A 70 -19.64 -6.50 14.81
N ALA A 71 -19.28 -6.17 13.55
CA ALA A 71 -18.02 -5.51 13.24
C ALA A 71 -17.95 -4.13 13.86
N GLN A 72 -19.06 -3.40 13.86
CA GLN A 72 -19.10 -2.06 14.44
C GLN A 72 -18.73 -2.04 15.91
N ARG A 73 -19.00 -3.14 16.63
CA ARG A 73 -18.69 -3.22 18.06
C ARG A 73 -17.20 -3.17 18.31
N ILE A 74 -16.37 -3.66 17.37
CA ILE A 74 -14.92 -3.70 17.59
C ILE A 74 -14.11 -2.79 16.66
N GLY A 75 -14.69 -2.33 15.57
CA GLY A 75 -13.97 -1.50 14.62
C GLY A 75 -14.85 -0.64 13.75
N GLU A 76 -14.25 -0.01 12.74
CA GLU A 76 -14.98 0.87 11.85
C GLU A 76 -15.48 0.17 10.61
N VAL A 77 -16.80 0.20 10.37
CA VAL A 77 -17.35 -0.31 9.12
C VAL A 77 -17.41 0.89 8.17
N VAL A 78 -16.69 0.83 7.06
CA VAL A 78 -16.67 1.92 6.09
C VAL A 78 -17.95 1.89 5.22
N THR A 79 -18.27 0.73 4.64
CA THR A 79 -19.42 0.60 3.74
C THR A 79 -19.95 -0.83 3.75
N SER A 80 -21.21 -1.02 3.37
CA SER A 80 -21.83 -2.32 3.21
C SER A 80 -22.80 -2.25 2.04
N LEU A 81 -22.98 -3.36 1.32
CA LEU A 81 -23.82 -3.38 0.14
C LEU A 81 -24.32 -4.76 -0.18
N VAL A 82 -25.57 -4.84 -0.64
CA VAL A 82 -26.15 -6.08 -1.12
C VAL A 82 -26.57 -5.82 -2.56
N ILE A 83 -26.12 -6.67 -3.51
CA ILE A 83 -26.53 -6.58 -4.90
C ILE A 83 -27.37 -7.82 -5.16
N ALA A 84 -28.70 -7.67 -5.24
CA ALA A 84 -29.60 -8.80 -5.41
C ALA A 84 -29.36 -9.61 -6.67
N ARG A 85 -29.07 -8.93 -7.78
CA ARG A 85 -28.79 -9.60 -9.03
C ARG A 85 -27.63 -8.93 -9.72
N PRO A 86 -26.39 -9.33 -9.37
CA PRO A 86 -25.20 -8.69 -9.95
C PRO A 86 -25.14 -8.78 -11.45
N HIS A 87 -24.65 -7.71 -12.08
CA HIS A 87 -24.52 -7.63 -13.53
C HIS A 87 -23.52 -8.68 -13.98
N ASN A 88 -23.78 -9.31 -15.13
CA ASN A 88 -22.95 -10.37 -15.70
C ASN A 88 -21.45 -10.00 -15.74
N ASP A 89 -21.13 -8.73 -16.03
CA ASP A 89 -19.76 -8.23 -16.09
C ASP A 89 -19.05 -8.18 -14.71
N ILE A 90 -19.81 -8.13 -13.62
CA ILE A 90 -19.24 -8.10 -12.28
C ILE A 90 -18.70 -9.49 -11.90
N ASN A 91 -19.37 -10.56 -12.37
CA ASN A 91 -19.04 -11.94 -12.05
C ASN A 91 -17.58 -12.33 -12.33
N LYS A 92 -16.86 -11.57 -13.15
CA LYS A 92 -15.43 -11.84 -13.39
C LYS A 92 -14.62 -11.61 -12.10
N ILE A 93 -15.03 -10.60 -11.30
CA ILE A 93 -14.43 -10.25 -9.99
C ILE A 93 -15.37 -10.71 -8.87
N ASP B 10 -14.40 4.90 -29.62
CA ASP B 10 -15.45 4.78 -28.60
C ASP B 10 -15.07 5.48 -27.28
N ALA B 11 -16.07 6.14 -26.65
CA ALA B 11 -15.91 6.92 -25.42
C ALA B 11 -15.50 6.10 -24.19
N LEU B 12 -14.72 6.71 -23.30
CA LEU B 12 -14.26 6.05 -22.08
C LEU B 12 -14.89 6.76 -20.87
N GLY B 13 -15.45 5.97 -19.95
CA GLY B 13 -16.08 6.47 -18.73
C GLY B 13 -15.35 5.95 -17.52
N LEU B 14 -15.02 6.84 -16.58
CA LEU B 14 -14.27 6.47 -15.40
C LEU B 14 -14.92 7.03 -14.14
N ILE B 15 -14.92 6.22 -13.08
CA ILE B 15 -15.38 6.62 -11.76
C ILE B 15 -14.36 6.10 -10.76
N GLU B 16 -13.75 6.97 -9.95
CA GLU B 16 -12.76 6.58 -8.95
C GLU B 16 -13.33 6.83 -7.58
N THR B 17 -13.32 5.81 -6.74
CA THR B 17 -13.92 5.89 -5.41
C THR B 17 -12.90 5.55 -4.32
N LYS B 18 -13.27 5.86 -3.06
CA LYS B 18 -12.47 5.45 -1.91
C LYS B 18 -13.15 4.16 -1.43
N GLY B 19 -12.52 3.03 -1.71
CA GLY B 19 -13.04 1.74 -1.32
C GLY B 19 -13.55 0.97 -2.51
N LEU B 20 -13.44 -0.34 -2.41
CA LEU B 20 -13.88 -1.26 -3.45
C LEU B 20 -15.41 -1.33 -3.54
N VAL B 21 -16.12 -1.34 -2.40
CA VAL B 21 -17.56 -1.49 -2.42
C VAL B 21 -18.25 -0.36 -3.19
N ALA B 22 -17.85 0.91 -2.95
CA ALA B 22 -18.41 2.04 -3.69
C ALA B 22 -18.14 1.91 -5.18
N CYS B 23 -16.97 1.36 -5.53
CA CYS B 23 -16.62 1.16 -6.92
C CYS B 23 -17.49 0.08 -7.59
N ILE B 24 -17.76 -1.02 -6.88
CA ILE B 24 -18.62 -2.07 -7.40
C ILE B 24 -20.04 -1.53 -7.63
N GLU B 25 -20.54 -0.71 -6.69
CA GLU B 25 -21.84 -0.10 -6.85
C GLU B 25 -21.85 0.86 -8.03
N ALA B 26 -20.78 1.65 -8.21
CA ALA B 26 -20.69 2.56 -9.35
C ALA B 26 -20.69 1.78 -10.67
N ALA B 27 -19.96 0.67 -10.74
CA ALA B 27 -19.89 -0.14 -11.95
C ALA B 27 -21.22 -0.83 -12.25
N ASP B 28 -21.90 -1.30 -11.21
CA ASP B 28 -23.20 -1.95 -11.39
C ASP B 28 -24.22 -0.94 -11.92
N ALA B 29 -24.22 0.28 -11.35
CA ALA B 29 -25.12 1.33 -11.77
C ALA B 29 -24.81 1.80 -13.19
N MET B 30 -23.51 1.86 -13.58
CA MET B 30 -23.12 2.28 -14.92
C MET B 30 -23.67 1.30 -15.95
N CYS B 31 -23.49 0.00 -15.73
CA CYS B 31 -23.97 -1.01 -16.67
C CYS B 31 -25.50 -1.07 -16.79
N ASP B 32 -26.20 -0.80 -15.67
CA ASP B 32 -27.64 -0.80 -15.68
C ASP B 32 -28.23 0.47 -16.30
N ALA B 33 -27.47 1.57 -16.35
CA ALA B 33 -27.98 2.85 -16.87
C ALA B 33 -27.98 3.00 -18.35
N ALA B 34 -26.98 2.41 -19.03
CA ALA B 34 -26.86 2.59 -20.48
C ALA B 34 -26.14 1.42 -21.17
N ASN B 35 -26.10 1.40 -22.52
CA ASN B 35 -25.44 0.35 -23.28
C ASN B 35 -23.93 0.53 -23.31
N VAL B 36 -23.28 0.31 -22.16
CA VAL B 36 -21.84 0.42 -22.03
C VAL B 36 -21.25 -0.92 -21.59
N GLU B 37 -19.97 -1.15 -21.92
CA GLU B 37 -19.26 -2.36 -21.52
C GLU B 37 -18.26 -2.07 -20.41
N LEU B 38 -18.32 -2.85 -19.31
CA LEU B 38 -17.35 -2.68 -18.24
C LEU B 38 -16.03 -3.32 -18.68
N ILE B 39 -15.00 -2.51 -18.85
CA ILE B 39 -13.64 -2.90 -19.23
C ILE B 39 -12.96 -3.56 -18.04
N GLY B 40 -13.11 -2.97 -16.86
CA GLY B 40 -12.54 -3.51 -15.64
C GLY B 40 -12.36 -2.50 -14.54
N TYR B 41 -11.66 -2.93 -13.51
CA TYR B 41 -11.34 -2.13 -12.35
C TYR B 41 -9.85 -1.94 -12.24
N GLU B 42 -9.44 -0.84 -11.61
CA GLU B 42 -8.04 -0.60 -11.37
C GLU B 42 -7.85 -0.06 -9.96
N ASN B 43 -6.81 -0.52 -9.29
CA ASN B 43 -6.55 -0.12 -7.92
C ASN B 43 -5.13 0.37 -7.82
N VAL B 44 -4.97 1.65 -7.47
CA VAL B 44 -3.66 2.25 -7.33
C VAL B 44 -3.23 2.46 -5.86
N GLY B 45 -3.92 1.81 -4.94
CA GLY B 45 -3.59 1.92 -3.54
C GLY B 45 -4.22 3.11 -2.85
N SER B 46 -3.97 3.25 -1.55
CA SER B 46 -4.55 4.33 -0.77
C SER B 46 -6.11 4.35 -0.86
N GLY B 47 -6.70 3.18 -1.12
CA GLY B 47 -8.15 2.97 -1.22
C GLY B 47 -8.73 3.47 -2.53
N LEU B 48 -7.90 3.94 -3.49
CA LEU B 48 -8.43 4.48 -4.72
C LEU B 48 -8.71 3.40 -5.74
N VAL B 49 -10.01 3.20 -6.06
CA VAL B 49 -10.42 2.16 -6.99
C VAL B 49 -11.20 2.79 -8.14
N THR B 50 -10.79 2.50 -9.41
CA THR B 50 -11.45 3.06 -10.57
C THR B 50 -12.20 2.03 -11.40
N ALA B 51 -13.44 2.34 -11.81
CA ALA B 51 -14.20 1.46 -12.71
C ALA B 51 -14.21 2.12 -14.07
N MET B 52 -13.93 1.33 -15.13
CA MET B 52 -13.83 1.87 -16.47
C MET B 52 -14.81 1.20 -17.41
N VAL B 53 -15.60 2.01 -18.16
CA VAL B 53 -16.56 1.55 -19.14
C VAL B 53 -16.25 2.15 -20.52
N LYS B 54 -16.76 1.51 -21.58
CA LYS B 54 -16.63 2.01 -22.95
C LYS B 54 -17.98 1.91 -23.68
N GLY B 55 -18.21 2.81 -24.62
CA GLY B 55 -19.43 2.83 -25.43
C GLY B 55 -19.55 4.14 -26.19
N ASP B 56 -20.74 4.44 -26.77
CA ASP B 56 -20.90 5.73 -27.46
C ASP B 56 -20.91 6.86 -26.42
N VAL B 57 -20.49 8.07 -26.80
CA VAL B 57 -20.37 9.20 -25.89
C VAL B 57 -21.65 9.49 -25.09
N GLY B 58 -22.79 9.34 -25.75
CA GLY B 58 -24.08 9.53 -25.11
C GLY B 58 -24.36 8.51 -24.03
N ALA B 59 -24.07 7.22 -24.31
CA ALA B 59 -24.26 6.12 -23.35
C ALA B 59 -23.28 6.25 -22.21
N VAL B 60 -22.03 6.61 -22.49
CA VAL B 60 -21.02 6.76 -21.45
C VAL B 60 -21.34 7.92 -20.50
N LYS B 61 -21.83 9.06 -21.03
CA LYS B 61 -22.19 10.19 -20.18
C LYS B 61 -23.35 9.78 -19.25
N ALA B 62 -24.35 9.08 -19.78
CA ALA B 62 -25.48 8.61 -18.98
C ALA B 62 -25.01 7.59 -17.93
N ALA B 63 -24.11 6.68 -18.30
CA ALA B 63 -23.59 5.68 -17.37
C ALA B 63 -22.84 6.32 -16.21
N VAL B 64 -21.92 7.25 -16.51
CA VAL B 64 -21.14 7.92 -15.47
C VAL B 64 -22.03 8.71 -14.52
N ASP B 65 -23.01 9.43 -15.05
CA ASP B 65 -23.94 10.19 -14.21
C ASP B 65 -24.67 9.29 -13.21
N SER B 66 -25.17 8.15 -13.69
CA SER B 66 -25.90 7.22 -12.85
C SER B 66 -24.98 6.54 -11.84
N GLY B 67 -23.80 6.16 -12.28
CA GLY B 67 -22.82 5.51 -11.42
C GLY B 67 -22.41 6.41 -10.28
N VAL B 68 -22.18 7.71 -10.55
CA VAL B 68 -21.77 8.66 -9.52
C VAL B 68 -22.87 8.87 -8.46
N GLU B 69 -24.10 9.05 -8.92
CA GLU B 69 -25.24 9.24 -8.05
C GLU B 69 -25.48 8.03 -7.11
N SER B 70 -25.39 6.82 -7.65
CA SER B 70 -25.61 5.62 -6.85
C SER B 70 -24.44 5.34 -5.90
N ALA B 71 -23.19 5.50 -6.36
CA ALA B 71 -22.03 5.25 -5.53
C ALA B 71 -21.96 6.23 -4.38
N GLN B 72 -22.32 7.50 -4.61
CA GLN B 72 -22.29 8.50 -3.54
C GLN B 72 -23.19 8.14 -2.37
N ARG B 73 -24.26 7.39 -2.62
CA ARG B 73 -25.18 6.96 -1.57
C ARG B 73 -24.50 6.05 -0.55
N ILE B 74 -23.50 5.28 -0.97
CA ILE B 74 -22.84 4.33 -0.06
C ILE B 74 -21.38 4.62 0.26
N GLY B 75 -20.74 5.46 -0.54
CA GLY B 75 -19.33 5.76 -0.34
C GLY B 75 -18.88 7.07 -0.95
N GLU B 76 -17.56 7.28 -0.94
CA GLU B 76 -16.98 8.51 -1.44
C GLU B 76 -16.55 8.38 -2.86
N VAL B 77 -17.10 9.23 -3.74
CA VAL B 77 -16.65 9.30 -5.13
C VAL B 77 -15.56 10.37 -5.13
N VAL B 78 -14.33 9.98 -5.42
CA VAL B 78 -13.22 10.91 -5.44
C VAL B 78 -13.19 11.72 -6.76
N THR B 79 -13.46 11.05 -7.92
CA THR B 79 -13.40 11.66 -9.24
C THR B 79 -14.25 10.89 -10.25
N SER B 80 -14.67 11.56 -11.34
CA SER B 80 -15.37 10.95 -12.46
C SER B 80 -14.97 11.70 -13.76
N LEU B 81 -14.93 10.98 -14.87
CA LEU B 81 -14.49 11.57 -16.13
C LEU B 81 -15.03 10.83 -17.33
N VAL B 82 -15.37 11.59 -18.39
CA VAL B 82 -15.79 11.02 -19.66
C VAL B 82 -14.82 11.55 -20.69
N ILE B 83 -14.19 10.68 -21.47
CA ILE B 83 -13.33 11.07 -22.55
C ILE B 83 -14.05 10.65 -23.83
N ALA B 84 -14.62 11.61 -24.57
CA ALA B 84 -15.41 11.32 -25.77
C ALA B 84 -14.59 10.67 -26.86
N ARG B 85 -13.32 11.09 -27.00
CA ARG B 85 -12.46 10.49 -28.02
C ARG B 85 -11.08 10.19 -27.46
N PRO B 86 -10.92 9.07 -26.75
CA PRO B 86 -9.60 8.75 -26.18
C PRO B 86 -8.58 8.46 -27.27
N HIS B 87 -7.34 8.80 -27.00
CA HIS B 87 -6.27 8.48 -27.92
C HIS B 87 -6.04 6.96 -27.86
N ASN B 88 -5.75 6.32 -29.00
CA ASN B 88 -5.50 4.88 -29.10
C ASN B 88 -4.46 4.40 -28.06
N ASP B 89 -3.42 5.21 -27.76
CA ASP B 89 -2.37 4.90 -26.79
C ASP B 89 -2.87 4.82 -25.35
N ILE B 90 -4.02 5.43 -25.04
CA ILE B 90 -4.56 5.42 -23.69
C ILE B 90 -5.04 4.02 -23.32
N ASP C 10 15.96 9.82 -26.98
CA ASP C 10 14.67 10.49 -26.97
C ASP C 10 14.24 10.88 -25.54
N ALA C 11 13.69 12.10 -25.37
CA ALA C 11 13.27 12.67 -24.10
C ALA C 11 12.16 11.92 -23.47
N LEU C 12 12.15 11.92 -22.13
CA LEU C 12 11.14 11.26 -21.30
C LEU C 12 10.30 12.30 -20.51
N GLY C 13 8.99 12.18 -20.64
CA GLY C 13 8.06 13.08 -19.96
C GLY C 13 7.28 12.31 -18.93
N LEU C 14 7.20 12.84 -17.70
CA LEU C 14 6.55 12.17 -16.61
C LEU C 14 5.60 13.09 -15.89
N ILE C 15 4.43 12.57 -15.51
CA ILE C 15 3.42 13.27 -14.72
C ILE C 15 2.96 12.28 -13.69
N GLU C 16 3.17 12.60 -12.41
CA GLU C 16 2.76 11.76 -11.32
C GLU C 16 1.57 12.44 -10.65
N THR C 17 0.48 11.69 -10.49
CA THR C 17 -0.71 12.23 -9.88
C THR C 17 -1.10 11.37 -8.70
N LYS C 18 -2.02 11.92 -7.90
CA LYS C 18 -2.71 11.23 -6.83
C LYS C 18 -3.99 10.71 -7.51
N GLY C 19 -4.04 9.41 -7.72
CA GLY C 19 -5.21 8.80 -8.31
C GLY C 19 -5.04 8.46 -9.76
N LEU C 20 -5.71 7.40 -10.19
CA LEU C 20 -5.62 6.90 -11.55
C LEU C 20 -6.37 7.77 -12.53
N VAL C 21 -7.56 8.27 -12.18
CA VAL C 21 -8.34 9.07 -13.13
C VAL C 21 -7.61 10.34 -13.56
N ALA C 22 -7.00 11.07 -12.62
CA ALA C 22 -6.19 12.27 -12.94
C ALA C 22 -5.04 11.90 -13.84
N CYS C 23 -4.46 10.71 -13.66
CA CYS C 23 -3.33 10.24 -14.48
C CYS C 23 -3.79 9.92 -15.90
N ILE C 24 -4.96 9.30 -16.05
CA ILE C 24 -5.50 9.02 -17.38
C ILE C 24 -5.81 10.33 -18.13
N GLU C 25 -6.31 11.33 -17.42
CA GLU C 25 -6.57 12.63 -18.01
C GLU C 25 -5.25 13.30 -18.43
N ALA C 26 -4.21 13.19 -17.58
CA ALA C 26 -2.91 13.75 -17.91
C ALA C 26 -2.34 13.10 -19.16
N ALA C 27 -2.45 11.76 -19.27
CA ALA C 27 -1.94 11.02 -20.42
C ALA C 27 -2.70 11.35 -21.69
N ASP C 28 -4.02 11.49 -21.59
CA ASP C 28 -4.83 11.85 -22.74
C ASP C 28 -4.45 13.24 -23.26
N ALA C 29 -4.29 14.19 -22.34
CA ALA C 29 -3.91 15.56 -22.70
C ALA C 29 -2.50 15.62 -23.29
N MET C 30 -1.57 14.81 -22.78
CA MET C 30 -0.20 14.78 -23.29
C MET C 30 -0.19 14.34 -24.76
N CYS C 31 -0.89 13.26 -25.08
CA CYS C 31 -0.94 12.72 -26.44
C CYS C 31 -1.62 13.67 -27.43
N ASP C 32 -2.63 14.40 -26.96
CA ASP C 32 -3.32 15.35 -27.81
C ASP C 32 -2.54 16.65 -28.03
N ALA C 33 -1.62 17.00 -27.13
CA ALA C 33 -0.89 18.25 -27.22
C ALA C 33 0.28 18.25 -28.20
N ALA C 34 0.97 17.10 -28.36
CA ALA C 34 2.17 17.06 -29.20
C ALA C 34 2.44 15.62 -29.76
N ASN C 35 3.44 15.48 -30.65
CA ASN C 35 3.83 14.21 -31.23
C ASN C 35 4.67 13.38 -30.24
N VAL C 36 4.02 12.86 -29.19
CA VAL C 36 4.67 12.03 -28.18
C VAL C 36 3.97 10.69 -28.13
N GLU C 37 4.71 9.65 -27.68
CA GLU C 37 4.15 8.31 -27.55
C GLU C 37 3.99 7.94 -26.08
N LEU C 38 2.81 7.45 -25.69
CA LEU C 38 2.59 7.03 -24.33
C LEU C 38 3.23 5.64 -24.16
N ILE C 39 4.26 5.58 -23.30
CA ILE C 39 4.99 4.36 -22.97
C ILE C 39 4.14 3.50 -22.02
N GLY C 40 3.54 4.14 -21.03
CA GLY C 40 2.72 3.44 -20.06
C GLY C 40 2.56 4.17 -18.75
N TYR C 41 1.97 3.46 -17.80
CA TYR C 41 1.68 3.95 -16.46
C TYR C 41 2.41 3.14 -15.41
N GLU C 42 2.78 3.81 -14.34
CA GLU C 42 3.48 3.15 -13.24
C GLU C 42 2.85 3.54 -11.92
N ASN C 43 2.73 2.57 -11.03
CA ASN C 43 2.05 2.79 -9.78
C ASN C 43 2.92 2.27 -8.67
N VAL C 44 3.29 3.16 -7.75
CA VAL C 44 4.11 2.79 -6.62
C VAL C 44 3.33 2.70 -5.32
N GLY C 45 1.99 2.66 -5.39
CA GLY C 45 1.15 2.56 -4.21
C GLY C 45 0.87 3.91 -3.61
N SER C 46 0.12 3.93 -2.50
CA SER C 46 -0.21 5.18 -1.81
C SER C 46 -0.90 6.20 -2.75
N GLY C 47 -1.56 5.69 -3.80
CA GLY C 47 -2.28 6.45 -4.80
C GLY C 47 -1.40 7.20 -5.78
N LEU C 48 -0.09 6.93 -5.81
CA LEU C 48 0.82 7.66 -6.72
C LEU C 48 0.93 6.96 -8.04
N VAL C 49 0.43 7.60 -9.10
CA VAL C 49 0.38 7.02 -10.44
C VAL C 49 1.11 7.93 -11.42
N THR C 50 2.06 7.38 -12.18
CA THR C 50 2.84 8.16 -13.14
C THR C 50 2.57 7.77 -14.59
N ALA C 51 2.38 8.76 -15.47
CA ALA C 51 2.21 8.51 -16.91
C ALA C 51 3.51 8.91 -17.58
N MET C 52 4.03 8.06 -18.47
CA MET C 52 5.30 8.30 -19.11
C MET C 52 5.16 8.36 -20.62
N VAL C 53 5.70 9.44 -21.22
CA VAL C 53 5.70 9.65 -22.66
C VAL C 53 7.15 9.81 -23.18
N LYS C 54 7.35 9.54 -24.48
CA LYS C 54 8.65 9.71 -25.10
C LYS C 54 8.49 10.48 -26.43
N GLY C 55 9.51 11.23 -26.78
CA GLY C 55 9.51 12.02 -28.00
C GLY C 55 10.65 13.01 -28.00
N ASP C 56 10.68 13.94 -28.96
CA ASP C 56 11.73 14.97 -28.96
C ASP C 56 11.49 15.92 -27.77
N VAL C 57 12.56 16.50 -27.24
CA VAL C 57 12.49 17.36 -26.05
C VAL C 57 11.41 18.45 -26.16
N GLY C 58 11.29 19.05 -27.34
CA GLY C 58 10.31 20.10 -27.59
C GLY C 58 8.88 19.60 -27.50
N ALA C 59 8.61 18.43 -28.12
CA ALA C 59 7.27 17.81 -28.09
C ALA C 59 6.94 17.39 -26.66
N VAL C 60 7.90 16.79 -25.93
CA VAL C 60 7.72 16.31 -24.56
C VAL C 60 7.45 17.47 -23.60
N LYS C 61 8.15 18.60 -23.74
CA LYS C 61 7.90 19.76 -22.88
C LYS C 61 6.48 20.28 -23.10
N ALA C 62 6.05 20.37 -24.37
CA ALA C 62 4.69 20.80 -24.68
C ALA C 62 3.64 19.82 -24.11
N ALA C 63 3.90 18.51 -24.25
CA ALA C 63 2.99 17.49 -23.77
C ALA C 63 2.84 17.57 -22.26
N VAL C 64 3.95 17.63 -21.51
CA VAL C 64 3.91 17.69 -20.04
C VAL C 64 3.16 18.93 -19.55
N ASP C 65 3.42 20.10 -20.15
CA ASP C 65 2.73 21.33 -19.78
C ASP C 65 1.21 21.20 -19.93
N SER C 66 0.77 20.62 -21.06
CA SER C 66 -0.66 20.44 -21.31
C SER C 66 -1.29 19.39 -20.39
N GLY C 67 -0.57 18.30 -20.16
CA GLY C 67 -1.04 17.24 -19.30
C GLY C 67 -1.23 17.71 -17.87
N VAL C 68 -0.29 18.53 -17.35
CA VAL C 68 -0.39 19.07 -15.99
C VAL C 68 -1.60 20.00 -15.83
N GLU C 69 -1.79 20.89 -16.78
CA GLU C 69 -2.89 21.84 -16.76
C GLU C 69 -4.25 21.13 -16.78
N SER C 70 -4.38 20.09 -17.63
CA SER C 70 -5.65 19.37 -17.74
C SER C 70 -5.94 18.51 -16.52
N ALA C 71 -4.92 17.79 -16.03
CA ALA C 71 -5.06 16.91 -14.87
C ALA C 71 -5.40 17.69 -13.61
N GLN C 72 -4.81 18.88 -13.43
CA GLN C 72 -5.09 19.71 -12.27
C GLN C 72 -6.56 20.09 -12.16
N ARG C 73 -7.28 20.18 -13.29
CA ARG C 73 -8.70 20.52 -13.31
C ARG C 73 -9.55 19.46 -12.63
N ILE C 74 -9.12 18.20 -12.63
CA ILE C 74 -9.93 17.12 -12.03
C ILE C 74 -9.27 16.42 -10.82
N GLY C 75 -7.98 16.63 -10.61
CA GLY C 75 -7.27 15.97 -9.52
C GLY C 75 -5.98 16.63 -9.11
N GLU C 76 -5.20 15.97 -8.24
CA GLU C 76 -3.94 16.52 -7.75
C GLU C 76 -2.75 16.04 -8.53
N VAL C 77 -1.97 16.98 -9.09
CA VAL C 77 -0.71 16.62 -9.75
C VAL C 77 0.38 16.73 -8.69
N VAL C 78 1.04 15.63 -8.38
CA VAL C 78 2.06 15.60 -7.35
C VAL C 78 3.38 16.17 -7.87
N THR C 79 3.83 15.68 -9.05
CA THR C 79 5.09 16.11 -9.66
C THR C 79 5.06 15.93 -11.18
N SER C 80 5.90 16.66 -11.91
CA SER C 80 6.05 16.50 -13.34
C SER C 80 7.53 16.74 -13.68
N LEU C 81 8.02 16.09 -14.72
CA LEU C 81 9.43 16.16 -15.06
C LEU C 81 9.69 15.84 -16.51
N VAL C 82 10.65 16.52 -17.10
CA VAL C 82 11.09 16.24 -18.45
C VAL C 82 12.56 15.92 -18.36
N ILE C 83 12.99 14.77 -18.87
CA ILE C 83 14.40 14.41 -18.91
C ILE C 83 14.80 14.44 -20.37
N ALA C 84 15.55 15.48 -20.78
CA ALA C 84 15.90 15.67 -22.19
C ALA C 84 16.71 14.53 -22.80
N ARG C 85 17.62 13.95 -22.03
CA ARG C 85 18.42 12.82 -22.50
C ARG C 85 18.60 11.81 -21.38
N PRO C 86 17.59 10.92 -21.21
CA PRO C 86 17.66 9.92 -20.13
C PRO C 86 18.79 8.94 -20.32
N HIS C 87 19.33 8.45 -19.20
CA HIS C 87 20.40 7.48 -19.23
C HIS C 87 19.81 6.16 -19.72
N ASN C 88 20.58 5.48 -20.55
CA ASN C 88 20.18 4.24 -21.22
C ASN C 88 20.01 3.07 -20.24
N ASP D 10 31.73 -4.01 -3.94
CA ASP D 10 32.05 -2.58 -3.84
C ASP D 10 30.90 -1.75 -3.14
N ALA D 11 31.06 -0.42 -3.17
CA ALA D 11 30.21 0.54 -2.49
C ALA D 11 28.77 0.60 -2.98
N LEU D 12 27.87 0.89 -2.03
CA LEU D 12 26.43 0.97 -2.23
C LEU D 12 25.94 2.42 -2.04
N GLY D 13 25.17 2.91 -3.00
CA GLY D 13 24.63 4.26 -2.95
C GLY D 13 23.12 4.23 -2.97
N LEU D 14 22.50 4.95 -2.03
CA LEU D 14 21.05 4.94 -1.88
C LEU D 14 20.49 6.34 -1.78
N ILE D 15 19.36 6.57 -2.46
CA ILE D 15 18.62 7.82 -2.39
C ILE D 15 17.16 7.45 -2.23
N GLU D 16 16.51 7.94 -1.17
CA GLU D 16 15.11 7.67 -0.89
C GLU D 16 14.33 8.93 -1.11
N THR D 17 13.27 8.88 -1.91
CA THR D 17 12.46 10.06 -2.21
C THR D 17 10.98 9.84 -1.94
N LYS D 18 10.22 10.93 -1.81
CA LYS D 18 8.77 10.84 -1.66
C LYS D 18 8.22 10.95 -3.09
N GLY D 19 7.75 9.85 -3.66
CA GLY D 19 7.25 9.84 -5.04
C GLY D 19 8.20 9.17 -6.02
N LEU D 20 7.63 8.59 -7.07
CA LEU D 20 8.38 7.87 -8.10
C LEU D 20 9.15 8.79 -9.02
N VAL D 21 8.55 9.92 -9.44
CA VAL D 21 9.22 10.81 -10.38
C VAL D 21 10.53 11.38 -9.80
N ALA D 22 10.53 11.83 -8.53
CA ALA D 22 11.76 12.32 -7.89
C ALA D 22 12.82 11.23 -7.83
N CYS D 23 12.38 9.96 -7.64
CA CYS D 23 13.29 8.82 -7.60
C CYS D 23 13.92 8.55 -8.95
N ILE D 24 13.12 8.64 -10.03
CA ILE D 24 13.63 8.45 -11.38
C ILE D 24 14.65 9.53 -11.71
N GLU D 25 14.39 10.76 -11.28
CA GLU D 25 15.34 11.86 -11.50
C GLU D 25 16.62 11.62 -10.71
N ALA D 26 16.51 11.14 -9.47
CA ALA D 26 17.68 10.84 -8.67
C ALA D 26 18.51 9.74 -9.31
N ALA D 27 17.88 8.67 -9.83
CA ALA D 27 18.56 7.56 -10.47
C ALA D 27 19.20 7.96 -11.79
N ASP D 28 18.51 8.80 -12.56
CA ASP D 28 19.05 9.28 -13.83
C ASP D 28 20.30 10.13 -13.56
N ALA D 29 20.23 11.01 -12.56
CA ALA D 29 21.34 11.87 -12.22
C ALA D 29 22.52 11.08 -11.69
N MET D 30 22.27 10.04 -10.91
CA MET D 30 23.33 9.20 -10.37
C MET D 30 24.11 8.51 -11.48
N CYS D 31 23.42 7.91 -12.46
CA CYS D 31 24.06 7.21 -13.57
C CYS D 31 24.84 8.16 -14.49
N ASP D 32 24.34 9.38 -14.66
CA ASP D 32 25.02 10.37 -15.49
C ASP D 32 26.23 11.00 -14.81
N ALA D 33 26.26 11.00 -13.48
CA ALA D 33 27.34 11.65 -12.74
C ALA D 33 28.63 10.88 -12.63
N ALA D 34 28.55 9.54 -12.55
CA ALA D 34 29.75 8.75 -12.36
C ALA D 34 29.61 7.30 -12.93
N ASN D 35 30.72 6.52 -12.95
CA ASN D 35 30.71 5.14 -13.41
C ASN D 35 30.11 4.18 -12.36
N VAL D 36 28.78 4.27 -12.17
CA VAL D 36 28.05 3.42 -11.24
C VAL D 36 26.99 2.65 -12.00
N GLU D 37 26.58 1.50 -11.44
CA GLU D 37 25.53 0.68 -12.04
C GLU D 37 24.26 0.78 -11.20
N LEU D 38 23.12 1.07 -11.86
CA LEU D 38 21.83 1.09 -11.17
C LEU D 38 21.38 -0.35 -10.95
N ILE D 39 21.31 -0.78 -9.67
CA ILE D 39 20.90 -2.08 -9.21
C ILE D 39 19.37 -2.17 -9.37
N GLY D 40 18.64 -1.14 -8.93
CA GLY D 40 17.20 -1.10 -9.04
C GLY D 40 16.54 -0.14 -8.09
N TYR D 41 15.25 -0.34 -7.89
CA TYR D 41 14.41 0.48 -7.04
C TYR D 41 13.76 -0.36 -5.95
N GLU D 42 13.38 0.30 -4.86
CA GLU D 42 12.65 -0.34 -3.79
C GLU D 42 11.59 0.61 -3.26
N ASN D 43 10.43 0.08 -2.94
CA ASN D 43 9.32 0.91 -2.48
C ASN D 43 8.74 0.29 -1.24
N VAL D 44 8.75 1.05 -0.14
CA VAL D 44 8.28 0.57 1.14
C VAL D 44 6.95 1.16 1.61
N GLY D 45 6.22 1.84 0.73
CA GLY D 45 4.95 2.41 1.12
C GLY D 45 5.06 3.82 1.64
N SER D 46 3.90 4.47 1.85
CA SER D 46 3.79 5.89 2.19
C SER D 46 4.55 6.77 1.11
N GLY D 47 4.63 6.27 -0.13
CA GLY D 47 5.31 6.90 -1.24
C GLY D 47 6.83 6.92 -1.16
N LEU D 48 7.42 6.13 -0.23
CA LEU D 48 8.87 6.14 -0.09
C LEU D 48 9.53 5.21 -1.07
N VAL D 49 10.30 5.79 -2.01
CA VAL D 49 10.95 5.06 -3.09
C VAL D 49 12.47 5.25 -2.99
N THR D 50 13.25 4.17 -3.04
CA THR D 50 14.70 4.26 -2.98
C THR D 50 15.34 3.73 -4.25
N ALA D 51 16.33 4.46 -4.78
CA ALA D 51 17.12 4.01 -5.92
C ALA D 51 18.50 3.58 -5.42
N MET D 52 19.00 2.45 -5.93
CA MET D 52 20.26 1.91 -5.48
C MET D 52 21.27 1.72 -6.58
N VAL D 53 22.52 2.15 -6.34
CA VAL D 53 23.64 2.03 -7.27
C VAL D 53 24.85 1.34 -6.60
N LYS D 54 25.74 0.77 -7.42
CA LYS D 54 26.98 0.15 -6.95
C LYS D 54 28.16 0.55 -7.81
N GLY D 55 29.33 0.60 -7.19
CA GLY D 55 30.55 1.01 -7.86
C GLY D 55 31.65 1.29 -6.86
N ASP D 56 32.78 1.89 -7.30
CA ASP D 56 33.83 2.24 -6.35
C ASP D 56 33.33 3.39 -5.45
N VAL D 57 33.82 3.46 -4.21
CA VAL D 57 33.35 4.45 -3.24
C VAL D 57 33.40 5.90 -3.78
N GLY D 58 34.42 6.22 -4.54
CA GLY D 58 34.56 7.54 -5.14
C GLY D 58 33.46 7.85 -6.15
N ALA D 59 33.16 6.87 -7.02
CA ALA D 59 32.12 7.02 -8.03
C ALA D 59 30.74 7.09 -7.34
N VAL D 60 30.52 6.25 -6.32
CA VAL D 60 29.24 6.23 -5.61
C VAL D 60 29.00 7.53 -4.85
N LYS D 61 30.03 8.10 -4.21
CA LYS D 61 29.88 9.37 -3.48
C LYS D 61 29.49 10.48 -4.46
N ALA D 62 30.17 10.55 -5.62
CA ALA D 62 29.87 11.53 -6.65
C ALA D 62 28.45 11.33 -7.18
N ALA D 63 28.03 10.06 -7.41
CA ALA D 63 26.70 9.76 -7.93
C ALA D 63 25.63 10.22 -6.95
N VAL D 64 25.75 9.86 -5.67
CA VAL D 64 24.76 10.22 -4.66
C VAL D 64 24.64 11.73 -4.51
N ASP D 65 25.76 12.45 -4.48
CA ASP D 65 25.75 13.91 -4.38
C ASP D 65 24.97 14.54 -5.53
N SER D 66 25.22 14.08 -6.76
CA SER D 66 24.53 14.61 -7.93
C SER D 66 23.05 14.24 -7.95
N GLY D 67 22.75 13.00 -7.59
CA GLY D 67 21.38 12.54 -7.54
C GLY D 67 20.55 13.32 -6.54
N VAL D 68 21.10 13.60 -5.34
CA VAL D 68 20.39 14.36 -4.32
C VAL D 68 20.10 15.79 -4.78
N GLU D 69 21.10 16.45 -5.33
CA GLU D 69 20.96 17.82 -5.80
C GLU D 69 19.90 17.93 -6.90
N SER D 70 19.89 16.99 -7.85
CA SER D 70 18.94 17.03 -8.96
C SER D 70 17.53 16.70 -8.51
N ALA D 71 17.37 15.64 -7.69
CA ALA D 71 16.07 15.21 -7.22
C ALA D 71 15.41 16.28 -6.35
N GLN D 72 16.19 16.97 -5.53
CA GLN D 72 15.64 18.02 -4.67
C GLN D 72 14.97 19.14 -5.46
N ARG D 73 15.43 19.40 -6.69
CA ARG D 73 14.85 20.44 -7.52
C ARG D 73 13.40 20.15 -7.90
N ILE D 74 13.04 18.87 -8.03
CA ILE D 74 11.67 18.51 -8.43
C ILE D 74 10.83 17.80 -7.36
N GLY D 75 11.46 17.28 -6.31
CA GLY D 75 10.74 16.55 -5.28
C GLY D 75 11.44 16.50 -3.95
N GLU D 76 10.90 15.72 -3.03
CA GLU D 76 11.46 15.61 -1.69
C GLU D 76 12.41 14.44 -1.55
N VAL D 77 13.67 14.71 -1.17
CA VAL D 77 14.62 13.66 -0.87
C VAL D 77 14.47 13.41 0.65
N VAL D 78 14.08 12.21 1.03
CA VAL D 78 13.90 11.86 2.42
C VAL D 78 15.27 11.56 3.07
N THR D 79 16.08 10.72 2.43
CA THR D 79 17.38 10.31 2.97
C THR D 79 18.32 9.89 1.84
N SER D 80 19.62 9.94 2.08
CA SER D 80 20.63 9.45 1.17
C SER D 80 21.74 8.81 1.99
N LEU D 81 22.44 7.82 1.40
CA LEU D 81 23.47 7.10 2.13
C LEU D 81 24.45 6.43 1.21
N VAL D 82 25.73 6.44 1.60
CA VAL D 82 26.79 5.72 0.91
C VAL D 82 27.40 4.79 1.95
N ILE D 83 27.48 3.49 1.63
CA ILE D 83 28.14 2.50 2.48
C ILE D 83 29.36 2.01 1.70
N ALA D 84 30.58 2.39 2.13
CA ALA D 84 31.81 2.03 1.40
C ALA D 84 32.01 0.55 1.27
N ARG D 85 31.78 -0.19 2.35
CA ARG D 85 31.93 -1.63 2.33
C ARG D 85 30.74 -2.24 3.03
N PRO D 86 29.67 -2.53 2.27
CA PRO D 86 28.47 -3.12 2.89
C PRO D 86 28.73 -4.47 3.50
N HIS D 87 28.09 -4.74 4.62
CA HIS D 87 28.24 -6.02 5.29
C HIS D 87 27.66 -7.14 4.42
N ASN D 88 28.30 -8.31 4.40
CA ASN D 88 27.88 -9.46 3.60
C ASN D 88 26.36 -9.76 3.74
N ASP D 89 25.83 -9.63 4.97
CA ASP D 89 24.41 -9.88 5.30
C ASP D 89 23.46 -8.87 4.65
N ILE D 90 23.94 -7.68 4.27
CA ILE D 90 23.09 -6.66 3.63
C ILE D 90 22.74 -7.10 2.21
N ASP E 10 18.20 -17.95 20.72
CA ASP E 10 18.77 -16.85 21.51
C ASP E 10 17.93 -15.53 21.38
N ALA E 11 18.44 -14.41 21.91
CA ALA E 11 17.73 -13.14 21.93
C ALA E 11 17.45 -12.55 20.52
N LEU E 12 16.35 -11.78 20.41
CA LEU E 12 15.92 -11.17 19.17
C LEU E 12 15.96 -9.63 19.31
N GLY E 13 16.56 -8.96 18.33
CA GLY E 13 16.70 -7.51 18.31
C GLY E 13 15.96 -6.94 17.13
N LEU E 14 15.15 -5.92 17.37
CA LEU E 14 14.35 -5.32 16.32
C LEU E 14 14.48 -3.80 16.33
N ILE E 15 14.55 -3.22 15.12
CA ILE E 15 14.56 -1.79 14.93
C ILE E 15 13.61 -1.52 13.79
N GLU E 16 12.58 -0.74 14.02
CA GLU E 16 11.63 -0.35 12.98
C GLU E 16 11.84 1.11 12.66
N THR E 17 12.04 1.45 11.41
CA THR E 17 12.28 2.82 10.98
C THR E 17 11.22 3.23 9.94
N LYS E 18 11.12 4.54 9.68
CA LYS E 18 10.28 5.04 8.62
C LYS E 18 11.24 5.22 7.42
N GLY E 19 11.13 4.36 6.43
CA GLY E 19 11.98 4.40 5.25
C GLY E 19 13.00 3.29 5.26
N LEU E 20 13.34 2.81 4.07
CA LEU E 20 14.27 1.72 3.86
C LEU E 20 15.72 2.11 4.14
N VAL E 21 16.15 3.30 3.71
CA VAL E 21 17.53 3.74 3.91
C VAL E 21 17.92 3.78 5.38
N ALA E 22 17.06 4.35 6.25
CA ALA E 22 17.31 4.40 7.70
C ALA E 22 17.41 2.98 8.25
N CYS E 23 16.60 2.04 7.71
CA CYS E 23 16.64 0.65 8.16
C CYS E 23 17.94 -0.05 7.76
N ILE E 24 18.42 0.20 6.55
CA ILE E 24 19.68 -0.38 6.10
C ILE E 24 20.83 0.16 6.97
N GLU E 25 20.80 1.45 7.31
CA GLU E 25 21.79 2.03 8.19
C GLU E 25 21.72 1.42 9.59
N ALA E 26 20.50 1.20 10.11
CA ALA E 26 20.33 0.57 11.41
C ALA E 26 20.89 -0.86 11.41
N ALA E 27 20.63 -1.63 10.33
CA ALA E 27 21.10 -3.01 10.21
C ALA E 27 22.63 -3.06 10.06
N ASP E 28 23.21 -2.14 9.29
CA ASP E 28 24.65 -2.07 9.11
C ASP E 28 25.32 -1.79 10.46
N ALA E 29 24.78 -0.81 11.21
CA ALA E 29 25.31 -0.44 12.51
C ALA E 29 25.16 -1.57 13.52
N MET E 30 24.04 -2.32 13.49
CA MET E 30 23.83 -3.43 14.40
C MET E 30 24.89 -4.50 14.20
N CYS E 31 25.16 -4.90 12.94
CA CYS E 31 26.15 -5.93 12.63
C CYS E 31 27.59 -5.52 12.97
N ASP E 32 27.88 -4.22 12.82
CA ASP E 32 29.20 -3.72 13.13
C ASP E 32 29.42 -3.53 14.64
N ALA E 33 28.34 -3.41 15.43
CA ALA E 33 28.48 -3.15 16.85
C ALA E 33 28.75 -4.36 17.69
N ALA E 34 28.17 -5.52 17.33
CA ALA E 34 28.29 -6.72 18.15
C ALA E 34 28.19 -8.02 17.35
N ASN E 35 28.42 -9.18 18.00
CA ASN E 35 28.36 -10.48 17.40
C ASN E 35 26.92 -10.95 17.24
N VAL E 36 26.19 -10.30 16.32
CA VAL E 36 24.79 -10.65 16.02
C VAL E 36 24.67 -11.00 14.55
N GLU E 37 23.66 -11.82 14.23
CA GLU E 37 23.38 -12.19 12.84
C GLU E 37 22.10 -11.52 12.34
N LEU E 38 22.16 -10.88 11.18
CA LEU E 38 20.99 -10.25 10.60
C LEU E 38 20.13 -11.36 9.98
N ILE E 39 18.92 -11.53 10.52
CA ILE E 39 17.93 -12.50 10.07
C ILE E 39 17.27 -11.98 8.78
N GLY E 40 16.94 -10.69 8.77
CA GLY E 40 16.34 -10.07 7.60
C GLY E 40 15.59 -8.80 7.90
N TYR E 41 14.90 -8.33 6.89
CA TYR E 41 14.09 -7.13 6.92
C TYR E 41 12.62 -7.50 6.72
N GLU E 42 11.74 -6.63 7.19
CA GLU E 42 10.32 -6.81 7.01
C GLU E 42 9.68 -5.47 6.77
N ASN E 43 8.73 -5.43 5.87
CA ASN E 43 8.07 -4.20 5.49
C ASN E 43 6.59 -4.43 5.55
N VAL E 44 5.90 -3.69 6.42
CA VAL E 44 4.46 -3.82 6.56
C VAL E 44 3.65 -2.66 5.93
N GLY E 45 4.29 -1.87 5.08
CA GLY E 45 3.65 -0.77 4.40
C GLY E 45 3.71 0.50 5.21
N SER E 46 3.14 1.57 4.65
CA SER E 46 3.14 2.89 5.28
C SER E 46 4.56 3.37 5.69
N GLY E 47 5.57 2.91 4.95
CA GLY E 47 6.97 3.25 5.14
C GLY E 47 7.61 2.56 6.34
N LEU E 48 6.94 1.59 6.99
CA LEU E 48 7.49 0.96 8.19
C LEU E 48 8.35 -0.22 7.83
N VAL E 49 9.66 -0.13 8.12
CA VAL E 49 10.63 -1.18 7.77
C VAL E 49 11.35 -1.65 9.02
N THR E 50 11.37 -2.97 9.28
CA THR E 50 12.02 -3.53 10.47
C THR E 50 13.22 -4.39 10.15
N ALA E 51 14.33 -4.19 10.86
CA ALA E 51 15.52 -5.04 10.74
C ALA E 51 15.57 -5.95 11.97
N MET E 52 15.81 -7.25 11.76
CA MET E 52 15.81 -8.23 12.83
C MET E 52 17.15 -8.94 12.94
N VAL E 53 17.74 -8.94 14.16
CA VAL E 53 19.00 -9.63 14.44
C VAL E 53 18.80 -10.68 15.55
N LYS E 54 19.72 -11.66 15.61
CA LYS E 54 19.72 -12.68 16.66
C LYS E 54 21.12 -12.85 17.23
N GLY E 55 21.18 -13.20 18.50
CA GLY E 55 22.44 -13.41 19.20
C GLY E 55 22.22 -13.50 20.69
N ASP E 56 23.31 -13.50 21.50
CA ASP E 56 23.13 -13.53 22.97
C ASP E 56 22.56 -12.15 23.41
N VAL E 57 21.81 -12.14 24.52
CA VAL E 57 21.15 -10.94 25.04
C VAL E 57 22.07 -9.73 25.13
N GLY E 58 23.29 -9.96 25.59
CA GLY E 58 24.27 -8.88 25.69
C GLY E 58 24.67 -8.27 24.36
N ALA E 59 24.90 -9.14 23.35
CA ALA E 59 25.27 -8.70 22.01
C ALA E 59 24.09 -7.98 21.35
N VAL E 60 22.88 -8.51 21.52
CA VAL E 60 21.68 -7.93 20.93
C VAL E 60 21.38 -6.55 21.51
N LYS E 61 21.54 -6.38 22.84
CA LYS E 61 21.31 -5.08 23.46
C LYS E 61 22.33 -4.04 22.90
N ALA E 62 23.60 -4.43 22.78
CA ALA E 62 24.62 -3.55 22.24
C ALA E 62 24.33 -3.20 20.77
N ALA E 63 23.88 -4.19 19.98
CA ALA E 63 23.58 -4.00 18.58
C ALA E 63 22.43 -3.02 18.41
N VAL E 64 21.32 -3.22 19.13
CA VAL E 64 20.14 -2.36 19.02
C VAL E 64 20.47 -0.93 19.44
N ASP E 65 21.24 -0.75 20.52
CA ASP E 65 21.63 0.59 20.95
C ASP E 65 22.40 1.34 19.85
N SER E 66 23.36 0.66 19.22
CA SER E 66 24.17 1.25 18.17
C SER E 66 23.36 1.51 16.92
N GLY E 67 22.50 0.57 16.56
CA GLY E 67 21.65 0.70 15.38
C GLY E 67 20.70 1.87 15.50
N VAL E 68 20.11 2.08 16.69
CA VAL E 68 19.19 3.19 16.90
C VAL E 68 19.90 4.54 16.80
N GLU E 69 21.05 4.66 17.43
CA GLU E 69 21.84 5.89 17.41
C GLU E 69 22.26 6.27 15.99
N SER E 70 22.71 5.30 15.19
CA SER E 70 23.15 5.57 13.83
C SER E 70 21.99 5.89 12.89
N ALA E 71 20.90 5.13 12.98
CA ALA E 71 19.75 5.33 12.12
C ALA E 71 19.09 6.68 12.37
N GLN E 72 19.01 7.10 13.65
CA GLN E 72 18.42 8.39 14.00
C GLN E 72 19.12 9.55 13.34
N ARG E 73 20.42 9.43 13.05
CA ARG E 73 21.18 10.49 12.42
C ARG E 73 20.67 10.80 11.01
N ILE E 74 20.13 9.79 10.30
CA ILE E 74 19.68 9.99 8.92
C ILE E 74 18.16 9.85 8.70
N GLY E 75 17.46 9.26 9.64
CA GLY E 75 16.02 9.03 9.51
C GLY E 75 15.28 8.85 10.81
N GLU E 76 14.01 8.48 10.71
CA GLU E 76 13.17 8.33 11.89
C GLU E 76 13.13 6.90 12.39
N VAL E 77 13.50 6.67 13.65
CA VAL E 77 13.38 5.34 14.25
C VAL E 77 12.02 5.35 14.93
N VAL E 78 11.12 4.48 14.50
CA VAL E 78 9.77 4.41 15.07
C VAL E 78 9.78 3.66 16.42
N THR E 79 10.40 2.48 16.44
CA THR E 79 10.44 1.63 17.63
C THR E 79 11.67 0.74 17.61
N SER E 80 12.11 0.30 18.78
CA SER E 80 13.18 -0.66 18.93
C SER E 80 12.82 -1.58 20.09
N LEU E 81 13.26 -2.84 20.01
CA LEU E 81 12.92 -3.82 21.03
C LEU E 81 13.92 -4.94 21.10
N VAL E 82 14.19 -5.41 22.32
CA VAL E 82 15.04 -6.57 22.53
C VAL E 82 14.19 -7.57 23.28
N ILE E 83 14.08 -8.80 22.77
CA ILE E 83 13.38 -9.87 23.46
C ILE E 83 14.46 -10.87 23.87
N ALA E 84 14.81 -10.88 25.17
CA ALA E 84 15.90 -11.72 25.68
C ALA E 84 15.66 -13.19 25.49
N ARG E 85 14.40 -13.63 25.67
CA ARG E 85 14.10 -15.04 25.47
C ARG E 85 12.79 -15.18 24.70
N PRO E 86 12.88 -15.05 23.37
CA PRO E 86 11.66 -15.13 22.56
C PRO E 86 11.19 -16.54 22.33
N HIS E 87 9.89 -16.74 22.39
CA HIS E 87 9.30 -18.02 22.09
C HIS E 87 9.46 -18.26 20.56
N ASN E 88 9.70 -19.52 20.15
CA ASN E 88 9.85 -19.86 18.73
C ASN E 88 8.54 -19.50 17.96
N ALA F 11 -10.83 -21.41 19.95
CA ALA F 11 -10.98 -19.95 20.07
C ALA F 11 -9.80 -19.26 19.47
N LEU F 12 -10.07 -18.12 18.83
CA LEU F 12 -9.08 -17.34 18.14
C LEU F 12 -8.91 -15.99 18.84
N GLY F 13 -7.67 -15.58 19.02
CA GLY F 13 -7.31 -14.32 19.64
C GLY F 13 -6.56 -13.49 18.62
N LEU F 14 -6.96 -12.23 18.46
CA LEU F 14 -6.37 -11.36 17.47
C LEU F 14 -6.00 -10.01 18.07
N ILE F 15 -4.82 -9.51 17.69
CA ILE F 15 -4.35 -8.18 18.08
C ILE F 15 -3.77 -7.56 16.81
N GLU F 16 -4.36 -6.43 16.38
CA GLU F 16 -3.87 -5.72 15.20
C GLU F 16 -3.20 -4.45 15.70
N THR F 17 -1.98 -4.21 15.22
CA THR F 17 -1.19 -3.06 15.64
C THR F 17 -0.80 -2.23 14.42
N LYS F 18 -0.23 -1.04 14.68
CA LYS F 18 0.36 -0.21 13.64
C LYS F 18 1.86 -0.48 13.80
N GLY F 19 2.41 -1.25 12.89
CA GLY F 19 3.83 -1.56 12.92
C GLY F 19 4.09 -2.98 13.34
N LEU F 20 5.18 -3.55 12.80
CA LEU F 20 5.56 -4.92 13.04
C LEU F 20 6.11 -5.15 14.44
N VAL F 21 6.95 -4.21 14.94
CA VAL F 21 7.58 -4.41 16.26
C VAL F 21 6.55 -4.51 17.37
N ALA F 22 5.52 -3.63 17.37
CA ALA F 22 4.42 -3.70 18.35
C ALA F 22 3.70 -5.03 18.24
N CYS F 23 3.54 -5.55 17.03
CA CYS F 23 2.86 -6.83 16.81
C CYS F 23 3.68 -8.00 17.36
N ILE F 24 5.00 -7.98 17.16
CA ILE F 24 5.86 -9.02 17.71
C ILE F 24 5.83 -9.00 19.26
N GLU F 25 5.78 -7.79 19.84
CA GLU F 25 5.68 -7.66 21.28
C GLU F 25 4.31 -8.18 21.77
N ALA F 26 3.23 -7.89 21.03
CA ALA F 26 1.91 -8.37 21.40
C ALA F 26 1.88 -9.90 21.35
N ALA F 27 2.49 -10.52 20.32
CA ALA F 27 2.53 -11.97 20.16
C ALA F 27 3.37 -12.63 21.25
N ASP F 28 4.50 -12.02 21.60
CA ASP F 28 5.37 -12.54 22.66
C ASP F 28 4.63 -12.54 24.00
N ALA F 29 3.94 -11.42 24.29
CA ALA F 29 3.19 -11.28 25.54
C ALA F 29 2.02 -12.25 25.61
N MET F 30 1.34 -12.48 24.48
CA MET F 30 0.22 -13.42 24.43
C MET F 30 0.68 -14.84 24.79
N CYS F 31 1.79 -15.30 24.19
CA CYS F 31 2.31 -16.64 24.44
C CYS F 31 2.80 -16.84 25.88
N ASP F 32 3.35 -15.77 26.46
CA ASP F 32 3.84 -15.84 27.84
C ASP F 32 2.71 -15.78 28.87
N ALA F 33 1.55 -15.21 28.51
CA ALA F 33 0.46 -15.04 29.45
C ALA F 33 -0.39 -16.28 29.70
N ALA F 34 -0.59 -17.12 28.68
CA ALA F 34 -1.47 -18.27 28.82
C ALA F 34 -1.08 -19.44 27.86
N ASN F 35 -1.74 -20.60 27.98
CA ASN F 35 -1.49 -21.75 27.11
C ASN F 35 -2.19 -21.57 25.76
N VAL F 36 -1.64 -20.67 24.92
CA VAL F 36 -2.15 -20.40 23.59
C VAL F 36 -1.02 -20.68 22.57
N GLU F 37 -1.41 -21.01 21.33
CA GLU F 37 -0.47 -21.27 20.25
C GLU F 37 -0.50 -20.12 19.25
N LEU F 38 0.67 -19.56 18.90
CA LEU F 38 0.73 -18.51 17.89
C LEU F 38 0.59 -19.16 16.51
N ILE F 39 -0.52 -18.84 15.82
CA ILE F 39 -0.83 -19.33 14.48
C ILE F 39 0.05 -18.60 13.45
N GLY F 40 0.17 -17.28 13.62
CA GLY F 40 0.96 -16.48 12.72
C GLY F 40 0.56 -15.03 12.71
N TYR F 41 1.12 -14.32 11.73
CA TYR F 41 0.93 -12.90 11.50
C TYR F 41 0.25 -12.67 10.17
N GLU F 42 -0.41 -11.53 10.05
CA GLU F 42 -1.05 -11.13 8.82
C GLU F 42 -0.84 -9.65 8.63
N ASN F 43 -0.57 -9.27 7.41
CA ASN F 43 -0.25 -7.89 7.08
C ASN F 43 -1.08 -7.48 5.89
N VAL F 44 -1.91 -6.46 6.09
CA VAL F 44 -2.75 -5.95 5.02
C VAL F 44 -2.25 -4.62 4.45
N GLY F 45 -1.02 -4.21 4.80
CA GLY F 45 -0.45 -2.97 4.31
C GLY F 45 -0.85 -1.79 5.16
N SER F 46 -0.42 -0.59 4.77
CA SER F 46 -0.72 0.62 5.54
C SER F 46 -0.27 0.52 7.03
N GLY F 47 0.73 -0.33 7.28
CA GLY F 47 1.32 -0.59 8.57
C GLY F 47 0.48 -1.45 9.48
N LEU F 48 -0.61 -2.05 8.99
CA LEU F 48 -1.52 -2.82 9.86
C LEU F 48 -1.10 -4.28 9.93
N VAL F 49 -0.71 -4.72 11.11
CA VAL F 49 -0.19 -6.07 11.30
C VAL F 49 -1.01 -6.78 12.38
N THR F 50 -1.50 -7.99 12.12
CA THR F 50 -2.27 -8.75 13.09
C THR F 50 -1.58 -10.03 13.56
N ALA F 51 -1.57 -10.28 14.87
CA ALA F 51 -1.04 -11.53 15.42
C ALA F 51 -2.24 -12.39 15.85
N MET F 52 -2.19 -13.68 15.51
CA MET F 52 -3.31 -14.57 15.77
C MET F 52 -2.88 -15.76 16.61
N VAL F 53 -3.62 -16.02 17.71
CA VAL F 53 -3.40 -17.16 18.61
C VAL F 53 -4.64 -18.04 18.70
N LYS F 54 -4.46 -19.29 19.08
CA LYS F 54 -5.57 -20.22 19.29
C LYS F 54 -5.41 -20.98 20.62
N GLY F 55 -6.53 -21.32 21.23
CA GLY F 55 -6.57 -22.04 22.49
C GLY F 55 -7.96 -22.04 23.09
N ASP F 56 -8.11 -22.44 24.36
CA ASP F 56 -9.44 -22.41 24.98
C ASP F 56 -9.82 -20.93 25.21
N VAL F 57 -11.12 -20.61 25.18
CA VAL F 57 -11.62 -19.25 25.31
C VAL F 57 -11.03 -18.50 26.52
N GLY F 58 -10.88 -19.19 27.65
CA GLY F 58 -10.31 -18.60 28.86
C GLY F 58 -8.85 -18.23 28.68
N ALA F 59 -8.05 -19.11 28.07
CA ALA F 59 -6.63 -18.86 27.83
C ALA F 59 -6.47 -17.74 26.81
N VAL F 60 -7.31 -17.73 25.74
CA VAL F 60 -7.23 -16.72 24.71
C VAL F 60 -7.62 -15.33 25.25
N LYS F 61 -8.62 -15.24 26.12
CA LYS F 61 -9.01 -13.95 26.70
C LYS F 61 -7.87 -13.40 27.54
N ALA F 62 -7.25 -14.26 28.37
CA ALA F 62 -6.10 -13.85 29.17
C ALA F 62 -4.91 -13.43 28.27
N ALA F 63 -4.64 -14.16 27.19
CA ALA F 63 -3.55 -13.86 26.30
C ALA F 63 -3.75 -12.50 25.64
N VAL F 64 -4.94 -12.24 25.07
CA VAL F 64 -5.24 -10.97 24.38
C VAL F 64 -5.11 -9.80 25.33
N ASP F 65 -5.65 -9.92 26.57
CA ASP F 65 -5.54 -8.86 27.57
C ASP F 65 -4.09 -8.49 27.86
N SER F 66 -3.24 -9.51 28.04
CA SER F 66 -1.83 -9.29 28.32
C SER F 66 -1.07 -8.72 27.11
N GLY F 67 -1.37 -9.24 25.93
CA GLY F 67 -0.76 -8.78 24.69
C GLY F 67 -1.06 -7.32 24.41
N VAL F 68 -2.31 -6.89 24.64
CA VAL F 68 -2.70 -5.49 24.42
C VAL F 68 -1.99 -4.54 25.36
N GLU F 69 -1.96 -4.91 26.63
CA GLU F 69 -1.34 -4.12 27.66
C GLU F 69 0.17 -3.90 27.39
N SER F 70 0.90 -4.98 27.04
CA SER F 70 2.32 -4.88 26.78
C SER F 70 2.64 -4.16 25.43
N ALA F 71 1.89 -4.46 24.33
CA ALA F 71 2.09 -3.83 23.02
C ALA F 71 1.85 -2.33 23.08
N GLN F 72 0.84 -1.90 23.84
CA GLN F 72 0.55 -0.49 23.99
C GLN F 72 1.74 0.29 24.57
N ARG F 73 2.59 -0.36 25.36
CA ARG F 73 3.75 0.28 25.96
C ARG F 73 4.80 0.66 24.96
N ILE F 74 4.82 0.05 23.76
CA ILE F 74 5.81 0.37 22.74
C ILE F 74 5.24 0.83 21.39
N GLY F 75 3.95 0.64 21.18
CA GLY F 75 3.31 1.02 19.93
C GLY F 75 1.82 1.20 20.00
N GLU F 76 1.18 1.39 18.83
CA GLU F 76 -0.26 1.59 18.77
C GLU F 76 -1.01 0.31 18.50
N VAL F 77 -1.93 -0.06 19.41
CA VAL F 77 -2.80 -1.21 19.20
C VAL F 77 -4.06 -0.65 18.54
N VAL F 78 -4.35 -1.08 17.31
CA VAL F 78 -5.51 -0.60 16.57
C VAL F 78 -6.79 -1.29 17.04
N THR F 79 -6.76 -2.62 17.14
CA THR F 79 -7.93 -3.39 17.55
C THR F 79 -7.51 -4.72 18.19
N SER F 80 -8.40 -5.31 18.98
CA SER F 80 -8.19 -6.64 19.55
C SER F 80 -9.55 -7.36 19.58
N LEU F 81 -9.52 -8.69 19.46
CA LEU F 81 -10.76 -9.45 19.38
C LEU F 81 -10.56 -10.88 19.80
N VAL F 82 -11.56 -11.46 20.46
CA VAL F 82 -11.56 -12.86 20.80
C VAL F 82 -12.80 -13.46 20.15
N ILE F 83 -12.63 -14.51 19.35
CA ILE F 83 -13.74 -15.23 18.75
C ILE F 83 -13.76 -16.59 19.43
N ALA F 84 -14.72 -16.81 20.34
CA ALA F 84 -14.77 -18.04 21.13
C ALA F 84 -14.92 -19.30 20.30
N ARG F 85 -15.74 -19.21 19.24
CA ARG F 85 -15.99 -20.36 18.38
C ARG F 85 -16.04 -19.90 16.93
N PRO F 86 -14.86 -19.77 16.29
CA PRO F 86 -14.84 -19.30 14.89
C PRO F 86 -15.56 -20.21 13.90
N HIS F 87 -16.24 -19.62 12.92
CA HIS F 87 -16.92 -20.38 11.89
C HIS F 87 -15.88 -20.99 10.98
N ASN F 88 -16.10 -22.21 10.50
CA ASN F 88 -15.16 -22.91 9.64
C ASN F 88 -14.70 -22.12 8.41
N ASP F 89 -15.62 -21.36 7.82
CA ASP F 89 -15.33 -20.53 6.64
C ASP F 89 -14.42 -19.33 6.93
N ILE F 90 -14.06 -19.07 8.18
CA ILE F 90 -13.21 -17.95 8.51
C ILE F 90 -11.81 -18.03 7.78
N ASN F 91 -11.54 -19.15 7.04
CA ASN F 91 -10.42 -19.46 6.15
C ASN F 91 -9.34 -20.30 6.80
#